data_2ZW7
#
_entry.id   2ZW7
#
_cell.length_a   70.050
_cell.length_b   70.050
_cell.length_c   534.760
_cell.angle_alpha   90.00
_cell.angle_beta   90.00
_cell.angle_gamma   120.00
#
_symmetry.space_group_name_H-M   'P 65 2 2'
#
loop_
_entity.id
_entity.type
_entity.pdbx_description
1 polymer 'Bleomycin acetyltransferase'
2 non-polymer 'COENZYME A'
3 non-polymer 'BLEOMYCIN A2'
4 water water
#
_entity_poly.entity_id   1
_entity_poly.type   'polypeptide(L)'
_entity_poly.pdbx_seq_one_letter_code
;(MSE)TEHPRAHTAHLRTARLELTPLDPAADARHLHHAYGDEEV(MSE)RWWTRPACADPAETERYLTSCAAAPGARLWT
IRAPDGTVPG(MSE)AGLLGGTDVPGLTWLLRRDSWGHGYATEAAAAVVGHALEDGGLDRVEAWIEAGNRRSLAVAARVG
LTERARLAQHYPHRPGPHE(MSE)VVLGKARAEEPLTTLAVITELPVRDVAATLRLVEAALGARTAFAIGDPPEFAEAAL
TPWSAGPRFRLAAVPGPGPVEPVRLHLDAAGTADSLHRRAVDAGARVDGPPVRRPWGRSEFVITLPEGHELTVSAPV
;
_entity_poly.pdbx_strand_id   A,B
#
# COMPACT_ATOMS: atom_id res chain seq x y z
N THR A 9 20.45 -2.23 -29.94
CA THR A 9 20.17 -2.92 -28.65
C THR A 9 21.34 -3.82 -28.22
N ALA A 10 21.65 -3.82 -26.92
CA ALA A 10 22.75 -4.64 -26.40
C ALA A 10 22.27 -5.87 -25.65
N HIS A 11 23.20 -6.77 -25.40
CA HIS A 11 22.95 -8.03 -24.70
C HIS A 11 23.31 -7.86 -23.24
N LEU A 12 22.70 -8.68 -22.40
CA LEU A 12 22.96 -8.63 -20.97
C LEU A 12 23.51 -9.98 -20.54
N ARG A 13 24.61 -9.94 -19.81
CA ARG A 13 25.26 -11.16 -19.36
C ARG A 13 25.17 -11.23 -17.84
N THR A 14 24.69 -12.35 -17.33
CA THR A 14 24.58 -12.54 -15.90
C THR A 14 25.45 -13.68 -15.44
N ALA A 15 25.60 -13.78 -14.12
CA ALA A 15 26.40 -14.81 -13.50
C ALA A 15 26.44 -16.09 -14.33
N ARG A 16 25.29 -16.60 -14.71
CA ARG A 16 25.25 -17.83 -15.49
C ARG A 16 24.30 -17.79 -16.65
N LEU A 17 23.81 -16.61 -16.99
CA LEU A 17 22.87 -16.48 -18.10
C LEU A 17 23.29 -15.52 -19.17
N GLU A 18 22.60 -15.61 -20.30
CA GLU A 18 22.84 -14.75 -21.44
C GLU A 18 21.49 -14.25 -21.97
N LEU A 19 21.23 -12.96 -21.78
CA LEU A 19 19.99 -12.35 -22.25
C LEU A 19 20.24 -11.61 -23.56
N THR A 20 19.66 -12.14 -24.63
CA THR A 20 19.82 -11.57 -25.96
C THR A 20 18.50 -10.94 -26.40
N PRO A 21 18.57 -9.77 -27.06
CA PRO A 21 17.34 -9.12 -27.52
C PRO A 21 16.44 -10.12 -28.22
N LEU A 22 15.16 -10.11 -27.85
CA LEU A 22 14.20 -11.04 -28.41
C LEU A 22 14.09 -11.00 -29.92
N ASP A 23 13.97 -12.20 -30.51
CA ASP A 23 13.83 -12.38 -31.94
C ASP A 23 12.62 -13.28 -32.22
N PRO A 24 11.44 -12.68 -32.42
CA PRO A 24 10.20 -13.41 -32.69
C PRO A 24 10.41 -14.61 -33.61
N ALA A 25 10.99 -14.37 -34.79
CA ALA A 25 11.24 -15.43 -35.76
C ALA A 25 12.11 -16.54 -35.16
N ALA A 26 13.28 -16.14 -34.66
CA ALA A 26 14.22 -17.08 -34.06
C ALA A 26 13.76 -17.71 -32.74
N ASP A 27 13.29 -16.89 -31.81
CA ASP A 27 12.87 -17.39 -30.51
C ASP A 27 11.50 -18.09 -30.44
N ALA A 28 10.56 -17.69 -31.30
CA ALA A 28 9.22 -18.27 -31.31
C ALA A 28 9.14 -19.71 -30.80
N ARG A 29 9.80 -20.62 -31.50
CA ARG A 29 9.76 -22.01 -31.11
C ARG A 29 10.12 -22.29 -29.66
N HIS A 30 11.23 -21.71 -29.21
CA HIS A 30 11.70 -21.92 -27.85
C HIS A 30 10.71 -21.38 -26.83
N LEU A 31 10.31 -20.13 -27.04
CA LEU A 31 9.41 -19.43 -26.16
C LEU A 31 7.97 -19.97 -26.17
N HIS A 32 7.63 -20.76 -27.18
CA HIS A 32 6.28 -21.30 -27.22
C HIS A 32 6.09 -22.35 -26.12
N HIS A 33 7.19 -22.76 -25.50
CA HIS A 33 7.08 -23.75 -24.44
C HIS A 33 6.50 -23.09 -23.20
N ALA A 34 6.50 -21.76 -23.21
CA ALA A 34 5.96 -20.98 -22.11
C ALA A 34 4.62 -20.43 -22.55
N TYR A 35 4.65 -19.70 -23.64
CA TYR A 35 3.45 -19.09 -24.16
C TYR A 35 2.40 -20.09 -24.56
N GLY A 36 2.82 -21.31 -24.84
CA GLY A 36 1.85 -22.34 -25.22
C GLY A 36 1.34 -23.12 -24.03
N ASP A 37 1.86 -22.83 -22.84
CA ASP A 37 1.47 -23.52 -21.63
C ASP A 37 0.37 -22.82 -20.84
N GLU A 38 -0.71 -23.55 -20.59
CA GLU A 38 -1.83 -23.01 -19.83
C GLU A 38 -1.39 -22.86 -18.38
N GLU A 39 -0.53 -23.78 -17.93
CA GLU A 39 -0.01 -23.75 -16.56
C GLU A 39 0.64 -22.40 -16.33
N VAL A 40 1.47 -22.00 -17.28
CA VAL A 40 2.19 -20.73 -17.22
C VAL A 40 1.26 -19.55 -17.50
N ARG A 42 -1.80 -18.97 -17.01
CA ARG A 42 -2.87 -18.67 -16.04
C ARG A 42 -2.63 -17.25 -15.55
N TRP A 43 -1.35 -16.93 -15.41
CA TRP A 43 -0.94 -15.63 -14.92
C TRP A 43 -0.57 -14.61 -16.01
N TRP A 44 -0.82 -14.92 -17.28
CA TRP A 44 -0.49 -13.94 -18.31
C TRP A 44 -1.66 -13.03 -18.67
N THR A 45 -1.40 -12.07 -19.54
CA THR A 45 -2.40 -11.11 -19.99
C THR A 45 -3.29 -11.66 -21.09
N ARG A 46 -2.95 -12.85 -21.59
CA ARG A 46 -3.73 -13.47 -22.64
C ARG A 46 -3.59 -14.99 -22.61
N PRO A 47 -4.62 -15.72 -23.09
CA PRO A 47 -4.60 -17.19 -23.09
C PRO A 47 -3.40 -17.74 -23.84
N ALA A 48 -2.92 -18.91 -23.43
CA ALA A 48 -1.78 -19.55 -24.07
C ALA A 48 -1.98 -19.53 -25.58
N CYS A 49 -0.90 -19.25 -26.32
CA CYS A 49 -0.99 -19.21 -27.77
C CYS A 49 -1.28 -20.62 -28.27
N ALA A 50 -2.05 -20.72 -29.33
CA ALA A 50 -2.40 -22.02 -29.88
C ALA A 50 -1.20 -22.75 -30.48
N ASP A 51 -0.31 -21.99 -31.13
CA ASP A 51 0.85 -22.58 -31.77
C ASP A 51 2.00 -21.58 -31.90
N PRO A 52 3.21 -22.10 -32.16
CA PRO A 52 4.42 -21.27 -32.32
C PRO A 52 4.17 -20.14 -33.30
N ALA A 53 3.27 -20.41 -34.24
CA ALA A 53 2.91 -19.41 -35.23
C ALA A 53 2.33 -18.22 -34.45
N GLU A 54 1.30 -18.52 -33.65
CA GLU A 54 0.61 -17.52 -32.84
C GLU A 54 1.55 -16.80 -31.88
N THR A 55 2.39 -17.58 -31.22
CA THR A 55 3.36 -17.04 -30.27
C THR A 55 4.25 -16.04 -31.01
N GLU A 56 4.63 -16.38 -32.24
CA GLU A 56 5.48 -15.50 -33.04
C GLU A 56 4.72 -14.20 -33.36
N ARG A 57 3.43 -14.34 -33.63
CA ARG A 57 2.59 -13.18 -33.91
C ARG A 57 2.58 -12.33 -32.64
N TYR A 58 2.25 -12.96 -31.53
CA TYR A 58 2.19 -12.28 -30.25
C TYR A 58 3.53 -11.59 -29.96
N LEU A 59 4.58 -12.37 -29.80
CA LEU A 59 5.90 -11.82 -29.50
C LEU A 59 6.23 -10.62 -30.37
N THR A 60 6.03 -10.75 -31.68
CA THR A 60 6.30 -9.67 -32.61
C THR A 60 5.53 -8.42 -32.17
N SER A 61 4.28 -8.61 -31.78
CA SER A 61 3.45 -7.51 -31.34
C SER A 61 4.03 -6.84 -30.10
N CYS A 62 4.32 -7.63 -29.06
CA CYS A 62 4.88 -7.07 -27.83
C CYS A 62 6.17 -6.32 -28.12
N ALA A 63 6.98 -6.89 -29.01
CA ALA A 63 8.26 -6.31 -29.39
C ALA A 63 8.13 -4.95 -30.08
N ALA A 64 7.00 -4.75 -30.78
CA ALA A 64 6.72 -3.52 -31.49
C ALA A 64 6.39 -2.37 -30.54
N ALA A 65 5.79 -2.71 -29.40
CA ALA A 65 5.40 -1.72 -28.39
C ALA A 65 6.36 -0.54 -28.32
N PRO A 66 5.82 0.69 -28.29
CA PRO A 66 6.71 1.84 -28.23
C PRO A 66 7.52 1.79 -26.95
N GLY A 67 8.83 1.66 -27.07
CA GLY A 67 9.66 1.61 -25.89
C GLY A 67 9.91 0.21 -25.37
N ALA A 68 9.25 -0.78 -25.98
CA ALA A 68 9.46 -2.17 -25.57
C ALA A 68 10.94 -2.46 -25.61
N ARG A 69 11.35 -3.53 -24.95
CA ARG A 69 12.76 -3.87 -24.91
C ARG A 69 12.86 -5.15 -24.08
N LEU A 70 12.61 -6.28 -24.74
CA LEU A 70 12.63 -7.59 -24.10
C LEU A 70 13.75 -8.52 -24.56
N TRP A 71 14.24 -9.36 -23.64
CA TRP A 71 15.32 -10.30 -23.92
C TRP A 71 14.96 -11.75 -23.70
N THR A 72 15.52 -12.62 -24.53
CA THR A 72 15.26 -14.04 -24.39
C THR A 72 16.37 -14.57 -23.50
N ILE A 73 15.97 -15.38 -22.53
CA ILE A 73 16.89 -15.97 -21.57
C ILE A 73 17.47 -17.23 -22.16
N ARG A 74 18.81 -17.30 -22.18
CA ARG A 74 19.52 -18.46 -22.69
C ARG A 74 20.39 -19.04 -21.60
N ALA A 75 20.13 -20.29 -21.24
CA ALA A 75 20.90 -20.98 -20.21
C ALA A 75 22.23 -21.47 -20.78
N PRO A 76 23.21 -21.77 -19.90
CA PRO A 76 24.52 -22.25 -20.34
C PRO A 76 24.40 -23.52 -21.19
N ASP A 77 23.50 -24.42 -20.80
CA ASP A 77 23.25 -25.67 -21.54
C ASP A 77 22.34 -25.38 -22.71
N GLY A 78 22.68 -24.35 -23.49
CA GLY A 78 21.89 -23.98 -24.67
C GLY A 78 20.48 -23.46 -24.47
N THR A 79 19.67 -24.20 -23.69
CA THR A 79 18.26 -23.91 -23.42
C THR A 79 17.79 -22.48 -23.23
N VAL A 80 16.49 -22.29 -23.42
CA VAL A 80 15.81 -21.01 -23.26
C VAL A 80 14.71 -21.21 -22.22
N PRO A 81 14.96 -20.78 -20.97
CA PRO A 81 13.95 -20.94 -19.91
C PRO A 81 12.79 -19.94 -19.98
N GLY A 82 12.95 -18.89 -20.77
CA GLY A 82 11.89 -17.90 -20.89
C GLY A 82 12.43 -16.56 -21.32
N ALA A 84 12.38 -12.07 -20.52
CA ALA A 84 12.28 -11.01 -19.51
C ALA A 84 12.60 -9.68 -20.16
N GLY A 85 12.19 -8.58 -19.54
CA GLY A 85 12.48 -7.29 -20.12
C GLY A 85 11.55 -6.18 -19.70
N LEU A 86 11.66 -5.05 -20.40
CA LEU A 86 10.84 -3.89 -20.14
C LEU A 86 9.67 -3.79 -21.12
N LEU A 87 8.49 -3.48 -20.62
CA LEU A 87 7.30 -3.36 -21.46
C LEU A 87 7.28 -2.07 -22.27
N GLY A 88 6.58 -2.08 -23.39
CA GLY A 88 6.51 -0.89 -24.22
C GLY A 88 5.19 -0.14 -24.14
N GLY A 89 5.27 1.18 -24.35
CA GLY A 89 4.09 2.02 -24.34
C GLY A 89 3.41 2.23 -22.99
N THR A 90 4.18 2.09 -21.91
CA THR A 90 3.67 2.27 -20.56
C THR A 90 4.33 3.48 -19.93
N ASP A 91 3.57 4.57 -19.78
CA ASP A 91 4.10 5.79 -19.21
C ASP A 91 5.17 5.59 -18.17
N VAL A 92 4.98 4.58 -17.32
CA VAL A 92 5.95 4.27 -16.28
C VAL A 92 6.57 2.91 -16.56
N PRO A 93 7.88 2.89 -16.91
CA PRO A 93 8.67 1.71 -17.22
C PRO A 93 8.18 0.44 -16.51
N GLY A 94 7.63 -0.50 -17.27
CA GLY A 94 7.13 -1.72 -16.69
C GLY A 94 7.99 -2.94 -16.95
N LEU A 95 8.02 -3.87 -15.99
CA LEU A 95 8.80 -5.09 -16.12
C LEU A 95 7.89 -6.24 -16.49
N THR A 96 8.47 -7.26 -17.10
CA THR A 96 7.72 -8.43 -17.52
C THR A 96 8.66 -9.61 -17.56
N TRP A 97 8.12 -10.79 -17.34
CA TRP A 97 8.91 -11.99 -17.35
C TRP A 97 8.04 -13.23 -17.27
N LEU A 98 8.58 -14.36 -17.73
CA LEU A 98 7.87 -15.62 -17.66
C LEU A 98 8.83 -16.73 -18.04
N LEU A 99 8.63 -17.89 -17.41
CA LEU A 99 9.46 -19.05 -17.66
C LEU A 99 8.56 -20.24 -17.95
N ARG A 100 9.12 -21.19 -18.67
CA ARG A 100 8.40 -22.42 -18.99
C ARG A 100 8.42 -23.24 -17.71
N ARG A 101 7.40 -24.07 -17.51
CA ARG A 101 7.30 -24.91 -16.31
C ARG A 101 8.64 -25.51 -15.93
N ASP A 102 9.23 -26.24 -16.87
CA ASP A 102 10.51 -26.92 -16.68
C ASP A 102 11.66 -26.10 -16.13
N SER A 103 11.56 -24.78 -16.12
CA SER A 103 12.64 -23.94 -15.61
C SER A 103 12.32 -23.24 -14.30
N TRP A 104 11.14 -23.52 -13.77
CA TRP A 104 10.73 -22.91 -12.52
C TRP A 104 11.63 -23.41 -11.42
N GLY A 105 12.03 -22.52 -10.52
CA GLY A 105 12.88 -22.95 -9.42
C GLY A 105 14.38 -23.03 -9.65
N HIS A 106 14.95 -22.13 -10.44
CA HIS A 106 16.38 -22.13 -10.70
C HIS A 106 17.00 -20.74 -10.55
N GLY A 107 16.24 -19.81 -9.99
CA GLY A 107 16.76 -18.48 -9.82
C GLY A 107 16.97 -17.80 -11.13
N TYR A 108 16.35 -18.34 -12.18
CA TYR A 108 16.46 -17.77 -13.51
C TYR A 108 15.83 -16.40 -13.55
N ALA A 109 14.52 -16.38 -13.35
CA ALA A 109 13.76 -15.14 -13.38
C ALA A 109 14.44 -14.09 -12.51
N THR A 110 14.81 -14.46 -11.28
CA THR A 110 15.45 -13.47 -10.43
C THR A 110 16.75 -12.99 -11.06
N GLU A 111 17.50 -13.91 -11.67
CA GLU A 111 18.78 -13.53 -12.30
C GLU A 111 18.55 -12.61 -13.50
N ALA A 112 17.59 -12.97 -14.34
CA ALA A 112 17.26 -12.18 -15.52
C ALA A 112 16.57 -10.86 -15.12
N ALA A 113 15.62 -10.96 -14.20
CA ALA A 113 14.88 -9.79 -13.71
C ALA A 113 15.85 -8.77 -13.15
N ALA A 114 16.77 -9.23 -12.32
CA ALA A 114 17.78 -8.37 -11.71
C ALA A 114 18.62 -7.70 -12.79
N ALA A 115 18.88 -8.44 -13.87
CA ALA A 115 19.65 -7.91 -14.99
C ALA A 115 18.88 -6.79 -15.68
N VAL A 116 17.66 -7.10 -16.11
CA VAL A 116 16.82 -6.11 -16.78
C VAL A 116 16.71 -4.85 -15.93
N VAL A 117 16.50 -5.06 -14.64
CA VAL A 117 16.35 -3.99 -13.67
C VAL A 117 17.63 -3.20 -13.56
N GLY A 118 18.73 -3.90 -13.28
CA GLY A 118 20.02 -3.24 -13.16
C GLY A 118 20.35 -2.42 -14.40
N HIS A 119 20.15 -3.03 -15.57
CA HIS A 119 20.42 -2.34 -16.80
C HIS A 119 19.58 -1.07 -16.94
N ALA A 120 18.26 -1.20 -16.84
CA ALA A 120 17.35 -0.07 -16.98
C ALA A 120 17.65 1.11 -16.07
N LEU A 121 18.16 0.82 -14.88
CA LEU A 121 18.48 1.89 -13.95
C LEU A 121 19.91 2.40 -14.11
N GLU A 122 20.53 2.13 -15.25
CA GLU A 122 21.90 2.58 -15.52
C GLU A 122 22.09 2.95 -16.98
N ASP A 123 22.48 1.96 -17.78
CA ASP A 123 22.73 2.13 -19.20
C ASP A 123 21.44 2.48 -19.95
N GLY A 124 20.31 2.05 -19.39
CA GLY A 124 19.02 2.35 -20.00
C GLY A 124 18.58 3.74 -19.55
N GLY A 125 19.41 4.37 -18.72
CA GLY A 125 19.13 5.71 -18.22
C GLY A 125 17.72 6.00 -17.73
N LEU A 126 17.05 4.98 -17.19
CA LEU A 126 15.70 5.15 -16.68
C LEU A 126 15.68 5.67 -15.26
N ASP A 127 14.58 6.26 -14.86
CA ASP A 127 14.46 6.80 -13.52
C ASP A 127 13.94 5.76 -12.53
N ARG A 128 13.20 4.78 -13.04
CA ARG A 128 12.62 3.74 -12.19
C ARG A 128 11.86 2.70 -12.99
N VAL A 129 11.61 1.55 -12.38
CA VAL A 129 10.86 0.49 -13.05
C VAL A 129 9.75 0.00 -12.14
N GLU A 130 8.71 -0.55 -12.76
CA GLU A 130 7.56 -1.03 -12.02
C GLU A 130 7.22 -2.44 -12.45
N ALA A 131 6.43 -3.12 -11.63
CA ALA A 131 6.01 -4.47 -11.93
C ALA A 131 4.63 -4.66 -11.33
N TRP A 132 3.67 -5.04 -12.17
CA TRP A 132 2.33 -5.27 -11.66
C TRP A 132 2.07 -6.75 -11.54
N ILE A 133 2.04 -7.23 -10.31
CA ILE A 133 1.81 -8.64 -10.07
C ILE A 133 0.45 -8.85 -9.40
N GLU A 134 -0.22 -9.92 -9.82
CA GLU A 134 -1.50 -10.27 -9.26
C GLU A 134 -1.19 -10.60 -7.82
N ALA A 135 -2.09 -10.26 -6.91
CA ALA A 135 -1.91 -10.50 -5.48
C ALA A 135 -1.61 -11.95 -5.13
N GLY A 136 -2.27 -12.88 -5.83
CA GLY A 136 -2.05 -14.30 -5.56
C GLY A 136 -0.80 -14.91 -6.21
N ASN A 137 -0.10 -14.14 -7.05
CA ASN A 137 1.09 -14.64 -7.71
C ASN A 137 2.29 -14.73 -6.79
N ARG A 138 2.27 -15.75 -5.94
CA ARG A 138 3.34 -16.01 -4.98
C ARG A 138 4.70 -16.00 -5.67
N ARG A 139 4.95 -17.03 -6.47
CA ARG A 139 6.19 -17.19 -7.22
C ARG A 139 6.74 -15.90 -7.82
N SER A 140 5.87 -15.08 -8.40
CA SER A 140 6.26 -13.82 -9.01
C SER A 140 6.56 -12.69 -8.02
N LEU A 141 5.80 -12.61 -6.92
CA LEU A 141 6.04 -11.54 -5.95
C LEU A 141 7.36 -11.80 -5.24
N ALA A 142 7.74 -13.08 -5.16
CA ALA A 142 9.00 -13.44 -4.52
C ALA A 142 10.13 -12.91 -5.40
N VAL A 143 10.02 -13.19 -6.70
CA VAL A 143 11.02 -12.75 -7.66
C VAL A 143 11.16 -11.23 -7.51
N ALA A 144 10.03 -10.54 -7.56
CA ALA A 144 10.04 -9.08 -7.44
C ALA A 144 10.67 -8.60 -6.13
N ALA A 145 10.44 -9.34 -5.05
CA ALA A 145 10.99 -8.97 -3.74
C ALA A 145 12.50 -9.15 -3.73
N ARG A 146 12.94 -10.25 -4.35
CA ARG A 146 14.35 -10.61 -4.48
C ARG A 146 15.13 -9.57 -5.31
N VAL A 147 14.52 -9.13 -6.40
CA VAL A 147 15.12 -8.15 -7.27
C VAL A 147 15.26 -6.76 -6.64
N GLY A 148 14.44 -6.47 -5.63
CA GLY A 148 14.52 -5.16 -4.99
C GLY A 148 13.29 -4.28 -5.15
N LEU A 149 12.26 -4.81 -5.81
CA LEU A 149 11.02 -4.09 -6.03
C LEU A 149 10.19 -4.07 -4.75
N THR A 150 9.70 -2.89 -4.38
CA THR A 150 8.90 -2.75 -3.17
C THR A 150 7.48 -2.22 -3.48
N GLU A 151 6.48 -2.78 -2.78
CA GLU A 151 5.07 -2.39 -2.98
C GLU A 151 4.89 -0.88 -2.95
N ARG A 152 4.17 -0.37 -3.93
CA ARG A 152 3.96 1.06 -4.05
C ARG A 152 2.48 1.41 -3.97
N ALA A 153 1.66 0.52 -4.50
CA ALA A 153 0.22 0.73 -4.51
C ALA A 153 -0.49 -0.55 -4.92
N ARG A 154 -1.74 -0.41 -5.32
CA ARG A 154 -2.54 -1.56 -5.68
C ARG A 154 -3.60 -1.08 -6.63
N LEU A 155 -3.92 -1.90 -7.62
CA LEU A 155 -4.93 -1.54 -8.58
C LEU A 155 -5.64 -2.80 -9.07
N ALA A 156 -6.91 -2.66 -9.40
CA ALA A 156 -7.65 -3.81 -9.86
C ALA A 156 -7.55 -3.84 -11.36
N GLN A 157 -7.82 -4.99 -11.93
CA GLN A 157 -7.76 -5.15 -13.37
C GLN A 157 -8.53 -6.38 -13.73
N HIS A 158 -9.05 -6.41 -14.95
CA HIS A 158 -9.79 -7.57 -15.42
C HIS A 158 -9.27 -8.03 -16.78
N TYR A 159 -8.97 -9.31 -16.89
CA TYR A 159 -8.49 -9.86 -18.16
C TYR A 159 -9.67 -10.47 -18.89
N PRO A 160 -9.95 -9.96 -20.10
CA PRO A 160 -11.06 -10.45 -20.95
C PRO A 160 -11.20 -11.97 -20.92
N HIS A 161 -10.08 -12.67 -20.90
CA HIS A 161 -10.08 -14.14 -20.89
C HIS A 161 -10.33 -14.72 -19.50
N ARG A 162 -10.97 -13.93 -18.63
CA ARG A 162 -11.25 -14.41 -17.29
C ARG A 162 -12.65 -14.05 -16.80
N PRO A 163 -13.15 -14.80 -15.80
CA PRO A 163 -14.49 -14.57 -15.23
C PRO A 163 -14.65 -13.21 -14.55
N GLY A 164 -13.89 -12.99 -13.49
CA GLY A 164 -13.99 -11.72 -12.78
C GLY A 164 -12.68 -10.98 -12.72
N PRO A 165 -12.67 -9.77 -12.14
CA PRO A 165 -11.45 -8.97 -12.03
C PRO A 165 -10.52 -9.54 -10.97
N HIS A 166 -9.43 -8.85 -10.70
CA HIS A 166 -8.49 -9.29 -9.68
C HIS A 166 -7.67 -8.11 -9.20
N GLU A 167 -6.93 -8.32 -8.12
CA GLU A 167 -6.11 -7.29 -7.53
C GLU A 167 -4.69 -7.34 -8.06
N VAL A 169 -0.69 -5.72 -7.52
CA VAL A 169 0.22 -4.94 -6.72
C VAL A 169 1.24 -4.25 -7.59
N VAL A 170 1.37 -2.96 -7.38
CA VAL A 170 2.35 -2.19 -8.13
C VAL A 170 3.61 -2.16 -7.28
N LEU A 171 4.60 -2.96 -7.65
CA LEU A 171 5.86 -2.99 -6.92
C LEU A 171 6.88 -2.19 -7.74
N GLY A 172 7.64 -1.33 -7.08
CA GLY A 172 8.60 -0.53 -7.81
C GLY A 172 10.01 -0.43 -7.23
N LYS A 173 10.92 0.09 -8.04
CA LYS A 173 12.31 0.29 -7.68
C LYS A 173 12.76 1.54 -8.39
N ALA A 174 13.25 2.53 -7.64
CA ALA A 174 13.68 3.78 -8.23
C ALA A 174 15.19 3.90 -8.16
N ARG A 175 15.77 4.56 -9.15
CA ARG A 175 17.21 4.76 -9.19
C ARG A 175 17.61 5.54 -7.94
N ALA A 176 16.91 6.64 -7.71
CA ALA A 176 17.16 7.49 -6.55
C ALA A 176 15.82 7.72 -5.86
N GLU A 177 15.76 7.41 -4.57
CA GLU A 177 14.52 7.58 -3.82
C GLU A 177 14.21 9.04 -3.50
N GLU A 178 12.94 9.41 -3.67
CA GLU A 178 12.48 10.77 -3.40
C GLU A 178 12.26 10.96 -1.91
N PRO A 179 12.86 12.02 -1.33
CA PRO A 179 12.70 12.27 0.10
C PRO A 179 11.25 12.59 0.46
N LEU A 180 10.81 13.78 0.05
CA LEU A 180 9.45 14.23 0.33
C LEU A 180 8.46 13.60 -0.64
N THR A 181 7.80 12.56 -0.17
CA THR A 181 6.80 11.85 -0.95
C THR A 181 5.51 11.79 -0.12
N THR A 182 4.37 12.01 -0.75
CA THR A 182 3.12 11.96 -0.02
C THR A 182 2.69 10.50 0.07
N LEU A 183 2.25 10.10 1.27
CA LEU A 183 1.84 8.73 1.53
C LEU A 183 0.36 8.48 1.30
N ALA A 184 -0.49 9.41 1.73
CA ALA A 184 -1.93 9.22 1.58
C ALA A 184 -2.65 10.55 1.49
N VAL A 185 -3.85 10.51 0.90
CA VAL A 185 -4.69 11.72 0.78
C VAL A 185 -6.04 11.52 1.48
N ILE A 186 -6.17 12.05 2.70
CA ILE A 186 -7.41 11.92 3.47
C ILE A 186 -8.33 13.15 3.34
N THR A 187 -9.23 13.10 2.37
CA THR A 187 -10.16 14.18 2.10
C THR A 187 -11.24 14.24 3.17
N GLU A 188 -11.66 15.45 3.54
CA GLU A 188 -12.68 15.65 4.57
C GLU A 188 -14.08 15.92 4.00
N LEU A 189 -15.09 15.33 4.64
CA LEU A 189 -16.48 15.50 4.22
C LEU A 189 -17.32 16.12 5.34
N PRO A 190 -17.88 17.30 5.10
CA PRO A 190 -18.71 17.95 6.11
C PRO A 190 -20.11 17.34 6.09
N VAL A 191 -20.50 16.72 7.19
CA VAL A 191 -21.82 16.10 7.26
C VAL A 191 -22.63 16.62 8.45
N ARG A 192 -23.95 16.50 8.35
CA ARG A 192 -24.82 16.95 9.43
C ARG A 192 -24.67 16.05 10.65
N ASP A 193 -24.79 14.74 10.46
CA ASP A 193 -24.64 13.80 11.58
C ASP A 193 -23.57 12.76 11.28
N VAL A 194 -22.38 13.04 11.79
CA VAL A 194 -21.22 12.18 11.61
C VAL A 194 -21.53 10.71 11.87
N ALA A 195 -22.11 10.45 13.05
CA ALA A 195 -22.45 9.09 13.44
C ALA A 195 -23.46 8.43 12.50
N ALA A 196 -24.24 9.23 11.79
CA ALA A 196 -25.23 8.72 10.85
C ALA A 196 -24.53 8.34 9.55
N THR A 197 -23.64 9.23 9.11
CA THR A 197 -22.88 9.03 7.88
C THR A 197 -22.06 7.76 8.01
N LEU A 198 -21.41 7.62 9.16
CA LEU A 198 -20.57 6.46 9.44
C LEU A 198 -21.35 5.18 9.23
N ARG A 199 -22.52 5.08 9.87
CA ARG A 199 -23.37 3.91 9.76
C ARG A 199 -23.68 3.58 8.28
N LEU A 200 -23.95 4.63 7.51
CA LEU A 200 -24.27 4.50 6.10
C LEU A 200 -23.11 3.93 5.29
N VAL A 201 -21.99 4.63 5.30
CA VAL A 201 -20.80 4.21 4.56
C VAL A 201 -20.34 2.82 4.97
N GLU A 202 -20.44 2.51 6.26
CA GLU A 202 -20.01 1.20 6.74
C GLU A 202 -20.78 0.10 6.03
N ALA A 203 -22.03 0.36 5.71
CA ALA A 203 -22.86 -0.63 5.06
C ALA A 203 -22.80 -0.54 3.55
N ALA A 204 -22.94 0.67 3.02
CA ALA A 204 -22.91 0.84 1.57
C ALA A 204 -21.53 0.54 1.00
N LEU A 205 -20.47 1.04 1.65
CA LEU A 205 -19.09 0.86 1.17
C LEU A 205 -18.22 -0.04 2.03
N GLY A 206 -18.81 -0.89 2.85
CA GLY A 206 -18.01 -1.75 3.70
C GLY A 206 -16.94 -1.00 4.47
N ALA A 207 -17.23 0.23 4.88
CA ALA A 207 -16.25 1.01 5.65
C ALA A 207 -16.25 0.57 7.11
N ARG A 208 -15.32 1.15 7.86
CA ARG A 208 -15.20 0.86 9.29
C ARG A 208 -14.70 2.16 9.84
N THR A 209 -15.12 2.51 11.05
CA THR A 209 -14.70 3.76 11.61
C THR A 209 -13.36 3.59 12.33
N ALA A 210 -12.43 4.46 11.98
CA ALA A 210 -11.08 4.45 12.53
C ALA A 210 -11.08 5.18 13.87
N PHE A 211 -11.73 6.33 13.90
CA PHE A 211 -11.84 7.10 15.12
C PHE A 211 -13.01 8.09 15.05
N ALA A 212 -13.52 8.46 16.21
CA ALA A 212 -14.63 9.40 16.28
C ALA A 212 -14.43 10.30 17.48
N ILE A 213 -14.16 11.56 17.20
CA ILE A 213 -13.93 12.55 18.24
C ILE A 213 -15.24 13.16 18.75
N GLY A 214 -15.55 12.89 20.01
CA GLY A 214 -16.74 13.44 20.63
C GLY A 214 -17.97 12.56 20.71
N ASP A 215 -18.89 12.96 21.59
CA ASP A 215 -20.13 12.24 21.76
C ASP A 215 -21.31 13.18 21.90
N PRO A 216 -22.17 13.23 20.87
CA PRO A 216 -22.02 12.43 19.67
C PRO A 216 -20.85 12.90 18.79
N PRO A 217 -20.18 11.97 18.10
CA PRO A 217 -19.05 12.26 17.21
C PRO A 217 -19.20 13.56 16.42
N GLU A 218 -18.19 14.41 16.51
CA GLU A 218 -18.18 15.68 15.81
C GLU A 218 -17.14 15.64 14.69
N PHE A 219 -16.23 14.68 14.80
CA PHE A 219 -15.17 14.50 13.83
C PHE A 219 -14.77 13.04 13.83
N ALA A 220 -14.70 12.45 12.65
CA ALA A 220 -14.30 11.05 12.56
C ALA A 220 -13.59 10.69 11.25
N GLU A 221 -13.04 9.47 11.23
CA GLU A 221 -12.36 8.95 10.06
C GLU A 221 -12.97 7.60 9.71
N ALA A 222 -13.27 7.41 8.42
CA ALA A 222 -13.83 6.16 7.95
C ALA A 222 -12.85 5.42 7.04
N ALA A 223 -12.28 4.34 7.56
CA ALA A 223 -11.35 3.54 6.77
C ALA A 223 -12.13 2.59 5.89
N LEU A 224 -11.87 2.65 4.59
CA LEU A 224 -12.56 1.79 3.65
C LEU A 224 -11.91 0.39 3.54
N THR A 225 -11.10 0.05 4.52
CA THR A 225 -10.44 -1.26 4.56
C THR A 225 -10.17 -1.55 6.04
N PRO A 226 -9.91 -2.81 6.39
CA PRO A 226 -9.63 -3.19 7.79
C PRO A 226 -8.21 -2.92 8.28
N TRP A 227 -7.38 -2.33 7.43
CA TRP A 227 -5.99 -2.10 7.80
C TRP A 227 -5.63 -0.71 8.28
N SER A 228 -4.53 -0.64 9.03
CA SER A 228 -4.02 0.59 9.63
C SER A 228 -3.91 1.78 8.68
N ALA A 229 -3.35 1.57 7.50
CA ALA A 229 -3.25 2.68 6.57
C ALA A 229 -3.94 2.22 5.30
N GLY A 230 -4.52 3.17 4.56
CA GLY A 230 -5.20 2.79 3.35
C GLY A 230 -6.26 3.80 2.97
N PRO A 231 -7.03 3.51 1.91
CA PRO A 231 -8.07 4.44 1.48
C PRO A 231 -9.02 4.77 2.63
N ARG A 232 -9.29 6.06 2.81
CA ARG A 232 -10.18 6.52 3.87
C ARG A 232 -10.43 8.02 3.76
N PHE A 233 -11.47 8.46 4.46
CA PHE A 233 -11.81 9.87 4.49
C PHE A 233 -12.39 10.23 5.85
N ARG A 234 -12.28 11.50 6.21
CA ARG A 234 -12.77 11.98 7.49
C ARG A 234 -14.08 12.73 7.33
N LEU A 235 -14.86 12.72 8.40
CA LEU A 235 -16.16 13.38 8.44
C LEU A 235 -16.18 14.48 9.49
N ALA A 236 -16.65 15.66 9.11
CA ALA A 236 -16.72 16.79 10.03
C ALA A 236 -18.17 17.24 10.14
N ALA A 237 -18.64 17.42 11.37
CA ALA A 237 -20.01 17.85 11.60
C ALA A 237 -20.19 19.33 11.30
N VAL A 238 -21.23 19.66 10.54
CA VAL A 238 -21.54 21.04 10.20
C VAL A 238 -22.67 21.49 11.11
N PRO A 239 -22.43 22.49 11.98
CA PRO A 239 -23.42 23.01 12.93
C PRO A 239 -24.78 23.46 12.37
N GLY A 240 -24.87 24.74 12.03
CA GLY A 240 -26.10 25.32 11.51
C GLY A 240 -26.70 24.72 10.26
N PRO A 241 -27.79 25.34 9.75
CA PRO A 241 -28.45 24.85 8.54
C PRO A 241 -27.60 25.18 7.31
N GLY A 242 -28.22 25.82 6.31
CA GLY A 242 -27.48 26.15 5.11
C GLY A 242 -27.09 24.87 4.40
N PRO A 243 -26.87 24.91 3.08
CA PRO A 243 -26.50 23.67 2.39
C PRO A 243 -25.00 23.43 2.41
N VAL A 244 -24.57 22.26 1.94
CA VAL A 244 -23.15 21.95 1.88
C VAL A 244 -22.85 21.65 0.43
N GLU A 245 -21.84 22.32 -0.10
CA GLU A 245 -21.46 22.10 -1.48
C GLU A 245 -20.99 20.66 -1.61
N PRO A 246 -21.53 19.91 -2.57
CA PRO A 246 -21.10 18.52 -2.70
C PRO A 246 -19.62 18.40 -3.00
N VAL A 247 -19.02 17.34 -2.45
CA VAL A 247 -17.63 17.03 -2.65
C VAL A 247 -17.69 15.76 -3.47
N ARG A 248 -16.95 15.68 -4.57
CA ARG A 248 -16.98 14.49 -5.40
C ARG A 248 -15.74 13.62 -5.27
N LEU A 249 -15.92 12.44 -4.68
CA LEU A 249 -14.85 11.49 -4.49
C LEU A 249 -14.93 10.43 -5.57
N HIS A 250 -13.78 9.83 -5.87
CA HIS A 250 -13.73 8.76 -6.85
C HIS A 250 -13.10 7.59 -6.10
N LEU A 251 -13.78 6.45 -6.12
CA LEU A 251 -13.30 5.28 -5.41
C LEU A 251 -12.95 4.11 -6.32
N ASP A 252 -11.67 3.81 -6.43
CA ASP A 252 -11.24 2.69 -7.25
C ASP A 252 -11.43 1.48 -6.36
N ALA A 253 -12.23 0.52 -6.84
CA ALA A 253 -12.51 -0.65 -6.05
C ALA A 253 -12.15 -1.97 -6.72
N ALA A 254 -12.08 -3.01 -5.90
CA ALA A 254 -11.76 -4.34 -6.36
C ALA A 254 -13.05 -5.14 -6.38
N GLY A 255 -13.31 -5.81 -7.51
CA GLY A 255 -14.52 -6.59 -7.63
C GLY A 255 -15.35 -6.13 -8.80
N THR A 256 -16.51 -6.76 -8.98
CA THR A 256 -17.42 -6.41 -10.06
C THR A 256 -18.28 -5.26 -9.59
N ALA A 257 -18.53 -4.30 -10.48
CA ALA A 257 -19.33 -3.14 -10.12
C ALA A 257 -20.67 -3.59 -9.59
N ASP A 258 -21.17 -4.67 -10.17
CA ASP A 258 -22.44 -5.22 -9.76
C ASP A 258 -22.41 -5.51 -8.28
N SER A 259 -21.47 -6.36 -7.88
CA SER A 259 -21.32 -6.72 -6.48
C SER A 259 -21.22 -5.47 -5.63
N LEU A 260 -20.49 -4.48 -6.13
CA LEU A 260 -20.30 -3.22 -5.43
C LEU A 260 -21.63 -2.49 -5.37
N HIS A 261 -22.26 -2.41 -6.54
CA HIS A 261 -23.56 -1.76 -6.69
C HIS A 261 -24.54 -2.41 -5.70
N ARG A 262 -24.75 -3.70 -5.88
CA ARG A 262 -25.63 -4.50 -5.03
C ARG A 262 -25.51 -4.09 -3.58
N ARG A 263 -24.30 -4.14 -3.05
CA ARG A 263 -24.07 -3.77 -1.67
C ARG A 263 -24.56 -2.35 -1.33
N ALA A 264 -24.26 -1.39 -2.20
CA ALA A 264 -24.66 -0.01 -1.97
C ALA A 264 -26.17 0.13 -1.90
N VAL A 265 -26.84 -0.30 -2.95
CA VAL A 265 -28.29 -0.23 -3.02
C VAL A 265 -28.93 -0.98 -1.86
N ASP A 266 -28.36 -2.13 -1.50
CA ASP A 266 -28.89 -2.92 -0.40
C ASP A 266 -28.77 -2.17 0.91
N ALA A 267 -27.64 -1.48 1.09
CA ALA A 267 -27.40 -0.71 2.30
C ALA A 267 -28.31 0.51 2.35
N GLY A 268 -29.28 0.56 1.43
CA GLY A 268 -30.20 1.67 1.36
C GLY A 268 -29.58 3.01 1.03
N ALA A 269 -28.48 2.99 0.27
CA ALA A 269 -27.81 4.22 -0.12
C ALA A 269 -28.49 4.82 -1.35
N ARG A 270 -28.21 6.08 -1.62
CA ARG A 270 -28.79 6.76 -2.78
C ARG A 270 -27.92 6.51 -4.01
N VAL A 271 -28.38 5.59 -4.87
CA VAL A 271 -27.64 5.23 -6.08
C VAL A 271 -28.29 5.78 -7.34
N ASP A 272 -27.53 6.47 -8.18
CA ASP A 272 -28.13 7.01 -9.39
C ASP A 272 -28.71 5.90 -10.26
N GLY A 273 -28.00 4.78 -10.36
CA GLY A 273 -28.47 3.68 -11.16
C GLY A 273 -27.46 2.56 -11.29
N PRO A 274 -27.73 1.56 -12.12
CA PRO A 274 -26.80 0.43 -12.29
C PRO A 274 -25.47 0.92 -12.81
N PRO A 275 -24.44 0.07 -12.71
CA PRO A 275 -23.07 0.39 -13.17
C PRO A 275 -23.05 0.85 -14.63
N VAL A 276 -21.98 1.54 -15.03
CA VAL A 276 -21.87 2.06 -16.39
C VAL A 276 -20.44 2.00 -16.97
N ARG A 277 -20.27 1.26 -18.06
CA ARG A 277 -18.97 1.12 -18.71
C ARG A 277 -18.50 2.44 -19.30
N ARG A 278 -17.38 2.97 -18.80
CA ARG A 278 -16.85 4.23 -19.28
C ARG A 278 -15.83 3.98 -20.39
N PRO A 279 -15.48 5.03 -21.16
CA PRO A 279 -14.51 4.88 -22.24
C PRO A 279 -13.13 4.42 -21.75
N TRP A 280 -12.69 4.98 -20.62
CA TRP A 280 -11.38 4.62 -20.06
C TRP A 280 -11.42 3.23 -19.41
N GLY A 281 -12.22 2.34 -20.00
CA GLY A 281 -12.32 0.98 -19.51
C GLY A 281 -12.54 0.80 -18.03
N ARG A 282 -13.67 1.31 -17.53
CA ARG A 282 -14.00 1.20 -16.13
C ARG A 282 -15.51 1.33 -15.93
N SER A 283 -16.07 0.40 -15.16
CA SER A 283 -17.51 0.40 -14.88
C SER A 283 -17.73 1.19 -13.59
N GLU A 284 -18.69 2.11 -13.60
CA GLU A 284 -19.00 2.91 -12.40
C GLU A 284 -20.48 3.23 -12.13
N PHE A 285 -20.73 3.63 -10.90
CA PHE A 285 -22.06 4.05 -10.46
C PHE A 285 -21.82 5.06 -9.34
N VAL A 286 -22.82 5.89 -9.02
CA VAL A 286 -22.64 6.91 -8.00
C VAL A 286 -23.53 6.83 -6.77
N ILE A 287 -22.92 7.04 -5.61
CA ILE A 287 -23.64 7.04 -4.33
C ILE A 287 -23.66 8.49 -3.88
N THR A 288 -24.86 9.01 -3.59
CA THR A 288 -24.93 10.39 -3.15
C THR A 288 -25.37 10.47 -1.71
N LEU A 289 -24.56 11.14 -0.91
CA LEU A 289 -24.88 11.31 0.49
C LEU A 289 -25.97 12.38 0.54
N PRO A 290 -26.75 12.40 1.64
CA PRO A 290 -27.82 13.38 1.83
C PRO A 290 -27.32 14.81 1.75
N GLU A 291 -26.10 15.04 2.24
CA GLU A 291 -25.52 16.37 2.20
C GLU A 291 -25.35 16.80 0.75
N GLY A 292 -25.29 15.82 -0.14
CA GLY A 292 -25.14 16.11 -1.56
C GLY A 292 -23.83 15.58 -2.14
N HIS A 293 -22.92 15.19 -1.26
CA HIS A 293 -21.63 14.66 -1.69
C HIS A 293 -21.89 13.48 -2.62
N GLU A 294 -21.07 13.40 -3.66
CA GLU A 294 -21.19 12.33 -4.64
C GLU A 294 -19.94 11.50 -4.69
N LEU A 295 -20.10 10.20 -4.46
CA LEU A 295 -18.97 9.30 -4.49
C LEU A 295 -19.21 8.29 -5.61
N THR A 296 -18.33 8.32 -6.60
CA THR A 296 -18.46 7.40 -7.72
C THR A 296 -17.55 6.20 -7.46
N VAL A 297 -18.10 5.01 -7.68
CA VAL A 297 -17.37 3.77 -7.46
C VAL A 297 -17.12 3.07 -8.77
N SER A 298 -15.86 3.00 -9.19
CA SER A 298 -15.53 2.33 -10.44
C SER A 298 -14.67 1.09 -10.22
N ALA A 299 -14.88 0.08 -11.05
CA ALA A 299 -14.14 -1.16 -10.97
C ALA A 299 -13.78 -1.60 -12.39
N PRO A 300 -12.81 -2.51 -12.54
CA PRO A 300 -12.41 -2.97 -13.87
C PRO A 300 -13.62 -3.49 -14.64
N VAL A 301 -14.51 -4.16 -13.94
CA VAL A 301 -15.72 -4.70 -14.53
C VAL A 301 -16.83 -4.71 -13.49
N THR B 9 -7.05 -14.73 31.58
CA THR B 9 -6.28 -15.09 30.36
C THR B 9 -5.73 -16.52 30.46
N ALA B 10 -5.60 -17.16 29.30
CA ALA B 10 -5.11 -18.54 29.24
C ALA B 10 -3.69 -18.62 28.70
N HIS B 11 -3.18 -19.85 28.60
CA HIS B 11 -1.82 -20.08 28.10
C HIS B 11 -1.83 -20.66 26.70
N LEU B 12 -0.82 -20.29 25.92
CA LEU B 12 -0.70 -20.77 24.55
C LEU B 12 0.36 -21.84 24.50
N ARG B 13 -0.03 -23.01 24.03
CA ARG B 13 0.87 -24.15 23.93
C ARG B 13 1.14 -24.45 22.46
N THR B 14 2.41 -24.41 22.06
CA THR B 14 2.77 -24.70 20.67
C THR B 14 3.67 -25.92 20.64
N ALA B 15 3.90 -26.41 19.43
CA ALA B 15 4.73 -27.57 19.18
C ALA B 15 5.77 -27.79 20.26
N ARG B 16 6.66 -26.82 20.41
CA ARG B 16 7.71 -26.95 21.41
C ARG B 16 7.81 -25.73 22.33
N LEU B 17 6.79 -24.89 22.30
CA LEU B 17 6.80 -23.71 23.13
C LEU B 17 5.62 -23.63 24.11
N GLU B 18 5.82 -22.82 25.14
CA GLU B 18 4.83 -22.60 26.18
C GLU B 18 4.69 -21.11 26.40
N LEU B 19 3.68 -20.52 25.78
CA LEU B 19 3.44 -19.09 25.95
C LEU B 19 2.54 -18.83 27.16
N THR B 20 3.08 -18.13 28.16
CA THR B 20 2.33 -17.82 29.36
C THR B 20 2.22 -16.31 29.51
N PRO B 21 1.06 -15.83 30.04
CA PRO B 21 0.76 -14.42 30.26
C PRO B 21 1.92 -13.67 30.89
N LEU B 22 2.24 -12.52 30.31
CA LEU B 22 3.36 -11.73 30.80
C LEU B 22 3.20 -11.36 32.26
N ASP B 23 4.27 -11.51 33.03
CA ASP B 23 4.30 -11.19 34.45
C ASP B 23 5.45 -10.23 34.73
N PRO B 24 5.28 -8.94 34.43
CA PRO B 24 6.34 -7.95 34.65
C PRO B 24 7.29 -8.25 35.79
N ALA B 25 6.76 -8.64 36.93
CA ALA B 25 7.61 -8.94 38.08
C ALA B 25 8.44 -10.18 37.81
N ALA B 26 7.75 -11.28 37.57
CA ALA B 26 8.43 -12.54 37.31
C ALA B 26 9.28 -12.54 36.03
N ASP B 27 8.75 -11.98 34.96
CA ASP B 27 9.45 -11.99 33.68
C ASP B 27 10.50 -10.91 33.44
N ALA B 28 10.50 -9.86 34.23
CA ALA B 28 11.46 -8.78 34.04
C ALA B 28 12.89 -9.25 33.80
N ARG B 29 13.48 -9.94 34.78
CA ARG B 29 14.87 -10.39 34.67
C ARG B 29 15.17 -11.25 33.46
N HIS B 30 14.23 -12.08 33.06
CA HIS B 30 14.44 -12.95 31.90
C HIS B 30 14.46 -12.15 30.61
N LEU B 31 13.37 -11.40 30.41
CA LEU B 31 13.19 -10.59 29.22
C LEU B 31 14.15 -9.42 29.14
N HIS B 32 14.89 -9.15 30.20
CA HIS B 32 15.81 -8.02 30.15
C HIS B 32 16.96 -8.31 29.20
N HIS B 33 17.15 -9.59 28.92
CA HIS B 33 18.21 -10.04 28.04
C HIS B 33 17.94 -9.62 26.60
N ALA B 34 16.71 -9.14 26.37
CA ALA B 34 16.30 -8.67 25.06
C ALA B 34 16.18 -7.15 25.12
N TYR B 35 15.36 -6.70 26.06
CA TYR B 35 15.11 -5.27 26.25
C TYR B 35 16.37 -4.52 26.64
N GLY B 36 17.30 -5.22 27.28
CA GLY B 36 18.54 -4.59 27.68
C GLY B 36 19.59 -4.62 26.58
N ASP B 37 19.34 -5.38 25.53
CA ASP B 37 20.27 -5.51 24.40
C ASP B 37 20.07 -4.45 23.34
N GLU B 38 21.15 -3.72 23.07
CA GLU B 38 21.15 -2.67 22.08
C GLU B 38 21.05 -3.27 20.68
N GLU B 39 21.59 -4.47 20.52
CA GLU B 39 21.56 -5.16 19.23
C GLU B 39 20.13 -5.55 18.90
N VAL B 40 19.37 -5.90 19.95
CA VAL B 40 17.97 -6.28 19.79
C VAL B 40 17.05 -5.06 19.73
N ARG B 42 17.65 -2.38 18.58
CA ARG B 42 18.02 -1.64 17.38
C ARG B 42 16.85 -1.22 16.49
N TRP B 43 15.78 -2.01 16.48
CA TRP B 43 14.60 -1.69 15.67
C TRP B 43 13.40 -1.25 16.52
N TRP B 44 13.53 -1.35 17.84
CA TRP B 44 12.45 -0.98 18.72
C TRP B 44 12.11 0.50 18.79
N THR B 45 10.95 0.75 19.39
CA THR B 45 10.39 2.08 19.56
C THR B 45 11.16 2.91 20.59
N ARG B 46 11.95 2.25 21.43
CA ARG B 46 12.73 2.95 22.45
C ARG B 46 14.08 2.28 22.71
N PRO B 47 15.04 3.05 23.22
CA PRO B 47 16.38 2.52 23.51
C PRO B 47 16.35 1.40 24.54
N ALA B 48 17.30 0.48 24.43
CA ALA B 48 17.39 -0.64 25.37
C ALA B 48 17.23 -0.06 26.75
N CYS B 49 16.69 -0.85 27.67
CA CYS B 49 16.48 -0.38 29.02
C CYS B 49 17.74 -0.53 29.85
N ALA B 50 18.01 0.47 30.68
CA ALA B 50 19.21 0.50 31.50
C ALA B 50 19.34 -0.67 32.47
N ASP B 51 18.23 -1.13 33.03
CA ASP B 51 18.29 -2.26 33.96
C ASP B 51 16.99 -3.04 34.01
N PRO B 52 17.02 -4.23 34.62
CA PRO B 52 15.79 -5.04 34.70
C PRO B 52 14.70 -4.22 35.37
N ALA B 53 15.11 -3.23 36.16
CA ALA B 53 14.16 -2.34 36.82
C ALA B 53 13.36 -1.63 35.71
N GLU B 54 14.08 -0.88 34.89
CA GLU B 54 13.48 -0.15 33.77
C GLU B 54 12.63 -1.08 32.92
N THR B 55 13.14 -2.28 32.68
CA THR B 55 12.42 -3.26 31.85
C THR B 55 11.12 -3.66 32.52
N GLU B 56 11.12 -3.64 33.84
CA GLU B 56 9.94 -3.98 34.62
C GLU B 56 8.99 -2.82 34.46
N ARG B 57 9.52 -1.62 34.61
CA ARG B 57 8.71 -0.42 34.47
C ARG B 57 8.07 -0.38 33.10
N TYR B 58 8.87 -0.74 32.09
CA TYR B 58 8.40 -0.73 30.72
C TYR B 58 7.37 -1.82 30.48
N LEU B 59 7.72 -3.05 30.83
CA LEU B 59 6.83 -4.16 30.61
C LEU B 59 5.48 -3.94 31.26
N THR B 60 5.50 -3.32 32.45
CA THR B 60 4.27 -3.03 33.18
C THR B 60 3.41 -2.11 32.33
N SER B 61 4.03 -1.05 31.86
CA SER B 61 3.37 -0.07 31.02
C SER B 61 2.72 -0.70 29.80
N CYS B 62 3.45 -1.58 29.13
CA CYS B 62 2.95 -2.26 27.93
C CYS B 62 1.76 -3.15 28.26
N ALA B 63 1.85 -3.85 29.39
CA ALA B 63 0.79 -4.74 29.81
C ALA B 63 -0.47 -4.00 30.26
N ALA B 64 -0.29 -2.79 30.78
CA ALA B 64 -1.42 -1.97 31.26
C ALA B 64 -2.29 -1.51 30.10
N ALA B 65 -1.67 -1.15 28.99
CA ALA B 65 -2.38 -0.67 27.81
C ALA B 65 -3.69 -1.39 27.55
N PRO B 66 -4.79 -0.63 27.42
CA PRO B 66 -6.09 -1.26 27.16
C PRO B 66 -6.08 -2.14 25.91
N GLY B 67 -6.39 -3.42 26.08
CA GLY B 67 -6.43 -4.32 24.95
C GLY B 67 -5.26 -5.28 24.92
N ALA B 68 -4.14 -4.82 25.44
CA ALA B 68 -2.90 -5.59 25.48
C ALA B 68 -3.13 -7.01 25.94
N ARG B 69 -2.37 -7.93 25.36
CA ARG B 69 -2.43 -9.36 25.69
C ARG B 69 -1.05 -9.93 25.35
N LEU B 70 -0.11 -9.85 26.29
CA LEU B 70 1.25 -10.33 26.04
C LEU B 70 1.66 -11.61 26.76
N TRP B 71 2.40 -12.46 26.05
CA TRP B 71 2.86 -13.72 26.63
C TRP B 71 4.37 -13.76 26.74
N THR B 72 4.85 -14.59 27.64
CA THR B 72 6.27 -14.73 27.77
C THR B 72 6.55 -16.11 27.25
N ILE B 73 7.44 -16.15 26.27
CA ILE B 73 7.84 -17.39 25.61
C ILE B 73 8.70 -18.23 26.52
N ARG B 74 8.28 -19.46 26.71
CA ARG B 74 8.97 -20.41 27.56
C ARG B 74 9.50 -21.54 26.69
N ALA B 75 10.81 -21.63 26.56
CA ALA B 75 11.45 -22.66 25.75
C ALA B 75 11.35 -24.03 26.43
N PRO B 76 11.54 -25.12 25.68
CA PRO B 76 11.46 -26.46 26.25
C PRO B 76 12.31 -26.65 27.50
N ASP B 77 13.51 -26.11 27.48
CA ASP B 77 14.43 -26.22 28.60
C ASP B 77 14.33 -25.04 29.55
N GLY B 78 13.11 -24.57 29.78
CA GLY B 78 12.90 -23.46 30.68
C GLY B 78 13.21 -22.09 30.09
N THR B 79 14.36 -21.98 29.43
CA THR B 79 14.79 -20.73 28.81
C THR B 79 13.67 -19.83 28.26
N VAL B 80 13.87 -18.54 28.40
CA VAL B 80 12.91 -17.57 27.91
C VAL B 80 13.56 -16.82 26.76
N PRO B 81 13.26 -17.23 25.52
CA PRO B 81 13.82 -16.58 24.32
C PRO B 81 13.26 -15.17 24.16
N GLY B 82 12.06 -14.95 24.69
CA GLY B 82 11.43 -13.64 24.60
C GLY B 82 9.93 -13.65 24.77
N ALA B 84 5.83 -12.34 23.04
CA ALA B 84 5.01 -12.12 21.84
C ALA B 84 3.61 -11.73 22.32
N GLY B 85 2.76 -11.34 21.39
CA GLY B 85 1.41 -10.97 21.78
C GLY B 85 0.77 -9.81 21.03
N LEU B 86 -0.43 -9.45 21.44
CA LEU B 86 -1.15 -8.35 20.83
C LEU B 86 -0.92 -7.07 21.59
N LEU B 87 -0.77 -5.98 20.86
CA LEU B 87 -0.52 -4.67 21.44
C LEU B 87 -1.72 -3.99 22.10
N GLY B 88 -1.43 -3.09 23.04
CA GLY B 88 -2.49 -2.39 23.74
C GLY B 88 -2.88 -1.06 23.12
N GLY B 89 -4.18 -0.81 23.04
CA GLY B 89 -4.68 0.43 22.49
C GLY B 89 -4.18 0.65 21.08
N THR B 90 -4.81 0.01 20.10
CA THR B 90 -4.40 0.12 18.69
C THR B 90 -5.52 0.30 17.68
N ASP B 91 -6.73 -0.11 18.02
CA ASP B 91 -7.86 -0.01 17.10
C ASP B 91 -7.83 -1.30 16.31
N VAL B 92 -7.00 -1.32 15.27
CA VAL B 92 -6.86 -2.51 14.46
C VAL B 92 -5.75 -3.36 15.13
N PRO B 93 -6.11 -4.54 15.68
CA PRO B 93 -5.23 -5.50 16.37
C PRO B 93 -3.78 -5.52 15.91
N GLY B 94 -2.87 -5.17 16.81
CA GLY B 94 -1.47 -5.16 16.46
C GLY B 94 -0.67 -6.28 17.10
N LEU B 95 0.24 -6.85 16.32
CA LEU B 95 1.09 -7.92 16.80
C LEU B 95 2.39 -7.31 17.25
N THR B 96 3.15 -8.10 18.01
CA THR B 96 4.44 -7.67 18.50
C THR B 96 5.17 -8.87 19.10
N TRP B 97 6.46 -8.93 18.86
CA TRP B 97 7.29 -10.00 19.42
C TRP B 97 8.68 -9.44 19.58
N LEU B 98 9.56 -10.23 20.18
CA LEU B 98 10.93 -9.79 20.38
C LEU B 98 11.69 -10.92 21.06
N LEU B 99 12.94 -11.15 20.63
CA LEU B 99 13.77 -12.21 21.21
C LEU B 99 15.18 -11.72 21.50
N ARG B 100 15.88 -12.45 22.36
CA ARG B 100 17.25 -12.08 22.67
C ARG B 100 18.12 -12.74 21.61
N ARG B 101 19.21 -12.05 21.26
CA ARG B 101 20.15 -12.53 20.26
C ARG B 101 20.34 -14.05 20.30
N ASP B 102 20.64 -14.55 21.49
CA ASP B 102 20.89 -15.96 21.73
C ASP B 102 19.83 -16.94 21.24
N SER B 103 18.66 -16.44 20.86
CA SER B 103 17.60 -17.32 20.40
C SER B 103 17.25 -17.09 18.94
N TRP B 104 17.90 -16.10 18.34
CA TRP B 104 17.65 -15.80 16.93
C TRP B 104 17.90 -17.04 16.08
N GLY B 105 17.14 -17.18 15.01
CA GLY B 105 17.32 -18.32 14.13
C GLY B 105 16.89 -19.67 14.65
N HIS B 106 15.97 -19.67 15.62
CA HIS B 106 15.46 -20.92 16.18
C HIS B 106 14.00 -21.12 15.78
N GLY B 107 13.47 -20.18 14.99
CA GLY B 107 12.08 -20.27 14.58
C GLY B 107 11.09 -20.07 15.72
N TYR B 108 11.55 -19.41 16.78
CA TYR B 108 10.69 -19.17 17.94
C TYR B 108 9.67 -18.09 17.60
N ALA B 109 10.16 -16.91 17.22
CA ALA B 109 9.28 -15.80 16.88
C ALA B 109 8.20 -16.32 15.98
N THR B 110 8.60 -17.06 14.95
CA THR B 110 7.62 -17.61 14.03
C THR B 110 6.60 -18.50 14.74
N GLU B 111 7.08 -19.42 15.57
CA GLU B 111 6.20 -20.33 16.29
C GLU B 111 5.28 -19.62 17.31
N ALA B 112 5.85 -18.68 18.07
CA ALA B 112 5.10 -17.92 19.07
C ALA B 112 4.13 -16.97 18.36
N ALA B 113 4.64 -16.25 17.37
CA ALA B 113 3.83 -15.32 16.58
C ALA B 113 2.67 -16.10 15.98
N ALA B 114 2.98 -17.26 15.42
CA ALA B 114 1.98 -18.12 14.81
C ALA B 114 0.88 -18.42 15.83
N ALA B 115 1.27 -18.71 17.07
CA ALA B 115 0.32 -19.03 18.12
C ALA B 115 -0.57 -17.82 18.38
N VAL B 116 0.05 -16.67 18.64
CA VAL B 116 -0.72 -15.46 18.91
C VAL B 116 -1.74 -15.15 17.81
N VAL B 117 -1.29 -15.15 16.55
CA VAL B 117 -2.19 -14.87 15.45
C VAL B 117 -3.31 -15.90 15.42
N GLY B 118 -2.91 -17.17 15.41
CA GLY B 118 -3.88 -18.26 15.38
C GLY B 118 -4.92 -18.13 16.49
N HIS B 119 -4.45 -17.88 17.71
CA HIS B 119 -5.36 -17.74 18.83
C HIS B 119 -6.29 -16.54 18.57
N ALA B 120 -5.70 -15.41 18.21
CA ALA B 120 -6.45 -14.20 17.96
C ALA B 120 -7.54 -14.36 16.90
N LEU B 121 -7.22 -15.10 15.84
CA LEU B 121 -8.17 -15.27 14.76
C LEU B 121 -9.15 -16.41 15.03
N GLU B 122 -9.24 -16.83 16.28
CA GLU B 122 -10.15 -17.92 16.66
C GLU B 122 -10.76 -17.70 18.05
N ASP B 123 -10.08 -18.23 19.06
CA ASP B 123 -10.51 -18.14 20.45
C ASP B 123 -10.65 -16.68 20.92
N GLY B 124 -9.83 -15.79 20.34
CA GLY B 124 -9.89 -14.39 20.69
C GLY B 124 -10.97 -13.69 19.88
N GLY B 125 -11.64 -14.46 19.03
CA GLY B 125 -12.70 -13.96 18.19
C GLY B 125 -12.44 -12.67 17.44
N LEU B 126 -11.18 -12.42 17.04
CA LEU B 126 -10.85 -11.21 16.31
C LEU B 126 -11.06 -11.40 14.82
N ASP B 127 -11.08 -10.29 14.08
CA ASP B 127 -11.29 -10.34 12.64
C ASP B 127 -10.01 -10.46 11.84
N ARG B 128 -8.99 -9.73 12.27
CA ARG B 128 -7.71 -9.72 11.59
C ARG B 128 -6.64 -9.23 12.56
N VAL B 129 -5.38 -9.42 12.17
CA VAL B 129 -4.25 -8.98 12.97
C VAL B 129 -3.29 -8.23 12.07
N GLU B 130 -2.53 -7.32 12.66
CA GLU B 130 -1.59 -6.52 11.91
C GLU B 130 -0.22 -6.49 12.57
N ALA B 131 0.80 -6.25 11.78
CA ALA B 131 2.15 -6.18 12.27
C ALA B 131 2.84 -5.01 11.58
N TRP B 132 3.49 -4.17 12.36
CA TRP B 132 4.17 -3.03 11.79
C TRP B 132 5.65 -3.26 11.91
N ILE B 133 6.28 -3.53 10.77
CA ILE B 133 7.71 -3.77 10.77
C ILE B 133 8.40 -2.69 9.97
N GLU B 134 9.55 -2.24 10.47
CA GLU B 134 10.30 -1.22 9.76
C GLU B 134 10.86 -1.81 8.47
N ALA B 135 10.99 -0.95 7.47
CA ALA B 135 11.46 -1.28 6.14
C ALA B 135 12.67 -2.22 6.06
N GLY B 136 13.76 -1.86 6.73
CA GLY B 136 14.92 -2.73 6.67
C GLY B 136 14.92 -3.93 7.61
N ASN B 137 13.94 -4.02 8.51
CA ASN B 137 13.90 -5.14 9.44
C ASN B 137 13.69 -6.46 8.74
N ARG B 138 14.75 -6.92 8.09
CA ARG B 138 14.75 -8.17 7.36
C ARG B 138 14.28 -9.36 8.19
N ARG B 139 14.92 -9.57 9.33
CA ARG B 139 14.60 -10.67 10.24
C ARG B 139 13.13 -10.73 10.62
N SER B 140 12.57 -9.57 10.93
CA SER B 140 11.18 -9.46 11.34
C SER B 140 10.19 -9.59 10.17
N LEU B 141 10.58 -9.09 9.01
CA LEU B 141 9.72 -9.18 7.83
C LEU B 141 9.59 -10.63 7.40
N ALA B 142 10.62 -11.39 7.72
CA ALA B 142 10.65 -12.81 7.39
C ALA B 142 9.61 -13.51 8.26
N VAL B 143 9.70 -13.30 9.57
CA VAL B 143 8.75 -13.90 10.50
C VAL B 143 7.33 -13.57 10.05
N ALA B 144 7.06 -12.30 9.84
CA ALA B 144 5.75 -11.88 9.37
C ALA B 144 5.29 -12.80 8.25
N ALA B 145 6.05 -12.78 7.16
CA ALA B 145 5.73 -13.59 6.00
C ALA B 145 5.49 -15.05 6.36
N ARG B 146 6.38 -15.61 7.17
CA ARG B 146 6.27 -17.00 7.56
C ARG B 146 4.99 -17.25 8.32
N VAL B 147 4.53 -16.24 9.05
CA VAL B 147 3.31 -16.35 9.85
C VAL B 147 2.02 -16.24 9.05
N GLY B 148 2.06 -15.56 7.91
CA GLY B 148 0.86 -15.46 7.10
C GLY B 148 0.46 -14.02 6.87
N LEU B 149 1.26 -13.11 7.40
CA LEU B 149 0.98 -11.69 7.22
C LEU B 149 1.44 -11.28 5.82
N THR B 150 0.70 -10.38 5.19
CA THR B 150 1.09 -9.90 3.86
C THR B 150 0.93 -8.40 3.83
N GLU B 151 1.91 -7.73 3.21
CA GLU B 151 1.93 -6.26 3.14
C GLU B 151 0.60 -5.65 2.72
N ARG B 152 0.12 -4.73 3.55
CA ARG B 152 -1.15 -4.06 3.31
C ARG B 152 -0.90 -2.64 2.87
N ALA B 153 0.06 -2.00 3.52
CA ALA B 153 0.41 -0.64 3.17
C ALA B 153 1.76 -0.27 3.80
N ARG B 154 2.03 1.02 3.85
CA ARG B 154 3.26 1.53 4.44
C ARG B 154 2.96 2.89 5.05
N LEU B 155 3.73 3.25 6.07
CA LEU B 155 3.54 4.51 6.73
C LEU B 155 4.86 5.00 7.29
N ALA B 156 4.97 6.31 7.41
CA ALA B 156 6.17 6.94 7.95
C ALA B 156 5.98 6.92 9.47
N GLN B 157 7.08 7.12 10.19
CA GLN B 157 7.02 7.11 11.64
C GLN B 157 8.31 7.66 12.23
N HIS B 158 8.20 8.30 13.37
CA HIS B 158 9.38 8.85 14.02
C HIS B 158 9.47 8.43 15.48
N TYR B 159 10.61 7.87 15.83
CA TYR B 159 10.88 7.43 17.20
C TYR B 159 11.70 8.54 17.83
N PRO B 160 11.15 9.18 18.89
CA PRO B 160 11.81 10.28 19.61
C PRO B 160 13.29 10.05 19.91
N HIS B 161 13.67 8.80 20.17
CA HIS B 161 15.05 8.46 20.47
C HIS B 161 15.85 8.28 19.17
N ARG B 162 15.29 8.75 18.06
CA ARG B 162 15.94 8.61 16.76
C ARG B 162 16.20 9.91 16.04
N PRO B 163 17.25 9.94 15.21
CA PRO B 163 17.61 11.15 14.45
C PRO B 163 16.48 11.61 13.54
N GLY B 164 16.09 10.74 12.60
CA GLY B 164 15.02 11.08 11.68
C GLY B 164 13.95 10.01 11.57
N PRO B 165 12.89 10.28 10.79
CA PRO B 165 11.77 9.34 10.58
C PRO B 165 12.20 8.06 9.88
N HIS B 166 11.24 7.17 9.65
CA HIS B 166 11.54 5.92 8.99
C HIS B 166 10.31 5.32 8.35
N GLU B 167 10.52 4.27 7.57
CA GLU B 167 9.44 3.58 6.88
C GLU B 167 8.89 2.41 7.68
N VAL B 169 6.15 -0.91 7.41
CA VAL B 169 5.31 -1.73 6.57
C VAL B 169 4.15 -2.30 7.37
N VAL B 170 2.95 -2.08 6.85
CA VAL B 170 1.76 -2.59 7.49
C VAL B 170 1.51 -3.95 6.87
N LEU B 171 1.80 -5.00 7.64
CA LEU B 171 1.59 -6.38 7.19
C LEU B 171 0.47 -6.99 8.01
N GLY B 172 -0.50 -7.61 7.34
CA GLY B 172 -1.62 -8.18 8.07
C GLY B 172 -2.16 -9.51 7.58
N LYS B 173 -3.01 -10.10 8.41
CA LYS B 173 -3.65 -11.38 8.11
C LYS B 173 -5.07 -11.34 8.65
N ALA B 174 -6.03 -11.78 7.84
CA ALA B 174 -7.43 -11.77 8.25
C ALA B 174 -8.01 -13.16 8.39
N ARG B 175 -9.11 -13.27 9.12
CA ARG B 175 -9.80 -14.54 9.30
C ARG B 175 -10.30 -14.93 7.90
N ALA B 176 -10.99 -14.00 7.28
CA ALA B 176 -11.52 -14.19 5.94
C ALA B 176 -11.29 -12.85 5.24
N GLU B 177 -10.77 -12.87 4.03
CA GLU B 177 -10.50 -11.62 3.35
C GLU B 177 -11.77 -11.00 2.77
N GLU B 178 -11.71 -9.69 2.56
CA GLU B 178 -12.84 -8.96 2.02
C GLU B 178 -12.69 -8.84 0.51
N PRO B 179 -13.50 -9.62 -0.23
CA PRO B 179 -13.48 -9.62 -1.69
C PRO B 179 -13.71 -8.22 -2.24
N LEU B 180 -14.62 -7.50 -1.57
CA LEU B 180 -14.93 -6.15 -1.97
C LEU B 180 -14.14 -5.21 -1.09
N THR B 181 -13.15 -4.55 -1.69
CA THR B 181 -12.30 -3.61 -0.96
C THR B 181 -12.03 -2.41 -1.84
N THR B 182 -11.64 -1.30 -1.22
CA THR B 182 -11.36 -0.09 -1.98
C THR B 182 -9.87 0.11 -2.10
N LEU B 183 -9.42 0.49 -3.29
CA LEU B 183 -8.00 0.67 -3.53
C LEU B 183 -7.50 2.10 -3.43
N ALA B 184 -8.33 3.07 -3.81
CA ALA B 184 -7.88 4.45 -3.73
C ALA B 184 -9.05 5.40 -3.68
N VAL B 185 -8.79 6.61 -3.20
CA VAL B 185 -9.81 7.65 -3.13
C VAL B 185 -9.26 8.90 -3.79
N ILE B 186 -9.72 9.13 -5.02
CA ILE B 186 -9.29 10.30 -5.80
C ILE B 186 -10.30 11.44 -5.71
N THR B 187 -10.17 12.24 -4.66
CA THR B 187 -11.07 13.36 -4.46
C THR B 187 -10.78 14.42 -5.53
N GLU B 188 -11.81 15.16 -5.93
CA GLU B 188 -11.70 16.19 -6.96
C GLU B 188 -11.65 17.61 -6.39
N LEU B 189 -11.00 18.52 -7.11
CA LEU B 189 -10.86 19.90 -6.69
C LEU B 189 -11.23 20.82 -7.83
N PRO B 190 -12.26 21.64 -7.66
CA PRO B 190 -12.68 22.56 -8.72
C PRO B 190 -11.82 23.81 -8.68
N VAL B 191 -10.94 23.94 -9.64
CA VAL B 191 -10.05 25.09 -9.70
C VAL B 191 -10.36 26.00 -10.88
N ARG B 192 -9.91 27.25 -10.76
CA ARG B 192 -10.08 28.27 -11.78
C ARG B 192 -9.27 27.91 -13.03
N ASP B 193 -7.96 27.78 -12.85
CA ASP B 193 -7.04 27.45 -13.93
C ASP B 193 -6.31 26.14 -13.62
N VAL B 194 -6.79 25.05 -14.20
CA VAL B 194 -6.19 23.73 -13.98
C VAL B 194 -4.69 23.73 -14.20
N ALA B 195 -4.30 24.19 -15.39
CA ALA B 195 -2.91 24.24 -15.78
C ALA B 195 -2.05 25.00 -14.78
N ALA B 196 -2.63 26.01 -14.16
CA ALA B 196 -1.92 26.81 -13.18
C ALA B 196 -1.79 26.07 -11.86
N THR B 197 -2.87 25.39 -11.47
CA THR B 197 -2.86 24.64 -10.22
C THR B 197 -1.86 23.50 -10.32
N LEU B 198 -1.83 22.85 -11.48
CA LEU B 198 -0.91 21.74 -11.70
C LEU B 198 0.52 22.20 -11.45
N ARG B 199 0.89 23.31 -12.06
CA ARG B 199 2.24 23.84 -11.90
C ARG B 199 2.57 24.16 -10.44
N LEU B 200 1.59 24.64 -9.69
CA LEU B 200 1.80 24.97 -8.28
C LEU B 200 2.06 23.72 -7.43
N VAL B 201 1.19 22.73 -7.56
CA VAL B 201 1.33 21.49 -6.79
C VAL B 201 2.56 20.70 -7.21
N GLU B 202 2.91 20.82 -8.49
CA GLU B 202 4.08 20.13 -9.02
C GLU B 202 5.25 20.63 -8.18
N ALA B 203 5.29 21.95 -8.00
CA ALA B 203 6.34 22.59 -7.23
C ALA B 203 6.22 22.45 -5.71
N ALA B 204 5.07 22.85 -5.17
CA ALA B 204 4.82 22.81 -3.73
C ALA B 204 4.75 21.42 -3.11
N LEU B 205 4.12 20.50 -3.82
CA LEU B 205 3.97 19.13 -3.32
C LEU B 205 4.72 18.09 -4.12
N GLY B 206 5.55 18.52 -5.06
CA GLY B 206 6.30 17.56 -5.85
C GLY B 206 5.39 16.60 -6.57
N ALA B 207 4.26 17.11 -7.04
CA ALA B 207 3.31 16.28 -7.77
C ALA B 207 3.70 16.23 -9.23
N ARG B 208 2.93 15.49 -10.04
CA ARG B 208 3.18 15.36 -11.46
C ARG B 208 1.91 15.03 -12.21
N THR B 209 1.59 15.78 -13.26
CA THR B 209 0.38 15.54 -14.05
C THR B 209 0.23 14.12 -14.60
N ALA B 210 -0.57 13.31 -13.90
CA ALA B 210 -0.82 11.94 -14.33
C ALA B 210 -1.49 11.93 -15.69
N PHE B 211 -2.44 12.84 -15.88
CA PHE B 211 -3.12 12.96 -17.16
C PHE B 211 -3.97 14.23 -17.17
N ALA B 212 -4.25 14.74 -18.36
CA ALA B 212 -5.05 15.94 -18.48
C ALA B 212 -5.68 16.06 -19.87
N ILE B 213 -6.96 16.41 -19.88
CA ILE B 213 -7.73 16.57 -21.12
C ILE B 213 -8.15 18.03 -21.30
N GLY B 214 -8.26 18.46 -22.55
CA GLY B 214 -8.67 19.83 -22.81
C GLY B 214 -7.51 20.76 -23.13
N ASP B 215 -7.78 21.80 -23.91
CA ASP B 215 -6.75 22.76 -24.26
C ASP B 215 -7.30 24.18 -24.25
N PRO B 216 -7.06 24.93 -23.16
CA PRO B 216 -6.30 24.47 -21.99
C PRO B 216 -7.03 23.34 -21.25
N PRO B 217 -6.30 22.60 -20.38
CA PRO B 217 -6.89 21.49 -19.63
C PRO B 217 -8.15 21.88 -18.85
N GLU B 218 -9.18 21.07 -18.97
CA GLU B 218 -10.45 21.32 -18.28
C GLU B 218 -10.61 20.33 -17.14
N PHE B 219 -9.78 19.29 -17.17
CA PHE B 219 -9.81 18.24 -16.18
C PHE B 219 -8.49 17.48 -16.18
N ALA B 220 -7.92 17.29 -15.01
CA ALA B 220 -6.64 16.60 -14.91
C ALA B 220 -6.48 15.85 -13.59
N GLU B 221 -5.42 15.04 -13.52
CA GLU B 221 -5.12 14.26 -12.32
C GLU B 221 -3.70 14.55 -11.87
N ALA B 222 -3.51 14.77 -10.58
CA ALA B 222 -2.20 15.07 -10.04
C ALA B 222 -1.69 13.95 -9.14
N ALA B 223 -0.78 13.15 -9.65
CA ALA B 223 -0.20 12.06 -8.89
C ALA B 223 0.84 12.67 -7.93
N LEU B 224 0.71 12.35 -6.65
CA LEU B 224 1.62 12.89 -5.66
C LEU B 224 2.86 12.01 -5.51
N THR B 225 2.96 11.03 -6.39
CA THR B 225 4.11 10.12 -6.44
C THR B 225 4.39 9.79 -7.90
N PRO B 226 5.61 9.36 -8.21
CA PRO B 226 6.02 9.01 -9.58
C PRO B 226 5.51 7.69 -10.12
N TRP B 227 4.76 6.95 -9.30
CA TRP B 227 4.25 5.65 -9.71
C TRP B 227 2.87 5.63 -10.34
N SER B 228 2.56 4.52 -11.01
CA SER B 228 1.29 4.31 -11.69
C SER B 228 0.08 4.57 -10.80
N ALA B 229 0.19 4.17 -9.54
CA ALA B 229 -0.89 4.34 -8.58
C ALA B 229 -0.37 4.83 -7.23
N GLY B 230 -1.25 5.47 -6.46
CA GLY B 230 -0.87 5.98 -5.16
C GLY B 230 -1.49 7.34 -4.91
N PRO B 231 -1.19 8.00 -3.78
CA PRO B 231 -1.76 9.33 -3.49
C PRO B 231 -1.83 10.24 -4.70
N ARG B 232 -3.02 10.80 -4.92
CA ARG B 232 -3.25 11.68 -6.03
C ARG B 232 -4.66 12.25 -5.93
N PHE B 233 -4.93 13.25 -6.75
CA PHE B 233 -6.25 13.85 -6.78
C PHE B 233 -6.43 14.49 -8.14
N ARG B 234 -7.68 14.72 -8.51
CA ARG B 234 -8.02 15.30 -9.80
C ARG B 234 -8.36 16.79 -9.72
N LEU B 235 -8.41 17.43 -10.87
CA LEU B 235 -8.72 18.86 -10.95
C LEU B 235 -9.80 19.11 -11.99
N ALA B 236 -10.72 20.02 -11.69
CA ALA B 236 -11.81 20.36 -12.59
C ALA B 236 -11.93 21.87 -12.73
N ALA B 237 -11.85 22.34 -13.97
CA ALA B 237 -11.94 23.76 -14.26
C ALA B 237 -13.31 24.31 -13.88
N VAL B 238 -13.32 25.40 -13.11
CA VAL B 238 -14.57 26.02 -12.68
C VAL B 238 -15.14 26.88 -13.79
N PRO B 239 -16.35 26.53 -14.26
CA PRO B 239 -17.02 27.28 -15.33
C PRO B 239 -17.77 28.47 -14.76
N GLY B 240 -17.03 29.43 -14.21
CA GLY B 240 -17.67 30.60 -13.64
C GLY B 240 -16.77 31.47 -12.79
N PRO B 241 -17.29 32.62 -12.31
CA PRO B 241 -16.59 33.58 -11.48
C PRO B 241 -16.97 33.46 -10.01
N GLY B 242 -18.12 32.81 -9.77
CA GLY B 242 -18.60 32.64 -8.41
C GLY B 242 -17.68 31.86 -7.51
N PRO B 243 -17.10 32.50 -6.47
CA PRO B 243 -16.18 31.84 -5.54
C PRO B 243 -16.52 30.38 -5.23
N VAL B 244 -15.47 29.59 -5.05
CA VAL B 244 -15.59 28.17 -4.80
C VAL B 244 -15.56 27.79 -3.32
N GLU B 245 -16.43 26.86 -2.95
CA GLU B 245 -16.51 26.37 -1.57
C GLU B 245 -15.30 25.47 -1.35
N PRO B 246 -14.34 25.93 -0.54
CA PRO B 246 -13.12 25.16 -0.26
C PRO B 246 -13.31 23.69 0.08
N VAL B 247 -12.26 22.92 -0.22
CA VAL B 247 -12.23 21.49 0.06
C VAL B 247 -11.01 21.29 0.93
N ARG B 248 -11.17 20.58 2.05
CA ARG B 248 -10.07 20.34 2.96
C ARG B 248 -9.48 18.95 2.84
N LEU B 249 -8.26 18.90 2.32
CA LEU B 249 -7.52 17.64 2.12
C LEU B 249 -6.41 17.54 3.15
N HIS B 250 -6.17 16.32 3.61
CA HIS B 250 -5.11 16.04 4.58
C HIS B 250 -4.13 15.13 3.84
N LEU B 251 -2.86 15.50 3.84
CA LEU B 251 -1.87 14.69 3.16
C LEU B 251 -0.81 14.16 4.09
N ASP B 252 -0.79 12.84 4.20
CA ASP B 252 0.19 12.16 5.04
C ASP B 252 1.44 12.10 4.17
N ALA B 253 2.52 12.70 4.66
CA ALA B 253 3.76 12.72 3.91
C ALA B 253 4.92 12.10 4.66
N ALA B 254 5.99 11.85 3.92
CA ALA B 254 7.21 11.27 4.48
C ALA B 254 8.29 12.33 4.52
N GLY B 255 9.08 12.32 5.59
CA GLY B 255 10.13 13.29 5.71
C GLY B 255 9.85 14.18 6.89
N THR B 256 10.54 15.30 6.96
CA THR B 256 10.34 16.22 8.06
C THR B 256 9.44 17.36 7.59
N ALA B 257 8.56 17.80 8.48
CA ALA B 257 7.64 18.88 8.16
C ALA B 257 8.42 20.05 7.59
N ASP B 258 9.54 20.37 8.21
CA ASP B 258 10.37 21.48 7.75
C ASP B 258 10.67 21.30 6.28
N SER B 259 11.28 20.17 5.93
CA SER B 259 11.63 19.90 4.54
C SER B 259 10.41 20.03 3.63
N LEU B 260 9.27 19.56 4.10
CA LEU B 260 8.04 19.67 3.33
C LEU B 260 7.61 21.14 3.28
N HIS B 261 7.59 21.76 4.45
CA HIS B 261 7.21 23.15 4.60
C HIS B 261 8.03 23.99 3.64
N ARG B 262 9.36 23.84 3.77
CA ARG B 262 10.33 24.55 2.95
C ARG B 262 9.98 24.43 1.48
N ARG B 263 9.83 23.18 1.02
CA ARG B 263 9.49 22.95 -0.37
C ARG B 263 8.30 23.80 -0.77
N ALA B 264 7.24 23.73 0.04
CA ALA B 264 5.97 24.45 -0.19
C ALA B 264 6.10 25.97 -0.23
N VAL B 265 6.83 26.52 0.73
CA VAL B 265 7.02 27.97 0.77
C VAL B 265 7.94 28.37 -0.38
N ASP B 266 8.92 27.53 -0.66
CA ASP B 266 9.87 27.79 -1.75
C ASP B 266 9.11 27.74 -3.06
N ALA B 267 8.07 26.94 -3.09
CA ALA B 267 7.24 26.79 -4.27
C ALA B 267 6.40 28.04 -4.52
N GLY B 268 6.38 28.94 -3.55
CA GLY B 268 5.61 30.18 -3.69
C GLY B 268 4.14 29.97 -3.37
N ALA B 269 3.84 28.88 -2.69
CA ALA B 269 2.47 28.56 -2.32
C ALA B 269 2.10 29.37 -1.09
N ARG B 270 0.81 29.35 -0.73
CA ARG B 270 0.33 30.09 0.42
C ARG B 270 0.36 29.22 1.68
N VAL B 271 1.36 29.46 2.53
CA VAL B 271 1.52 28.70 3.76
C VAL B 271 1.02 29.45 4.98
N ASP B 272 0.16 28.77 5.74
CA ASP B 272 -0.45 29.33 6.96
C ASP B 272 0.56 29.77 8.01
N GLY B 273 1.73 29.13 8.02
CA GLY B 273 2.76 29.45 8.98
C GLY B 273 3.62 28.24 9.28
N PRO B 274 4.63 28.38 10.15
CA PRO B 274 5.47 27.21 10.43
C PRO B 274 4.65 25.98 10.81
N PRO B 275 5.27 24.80 10.75
CA PRO B 275 4.56 23.56 11.10
C PRO B 275 4.28 23.50 12.59
N VAL B 276 3.13 22.92 12.97
CA VAL B 276 2.75 22.78 14.37
C VAL B 276 2.55 21.33 14.77
N ARG B 277 3.13 20.95 15.91
CA ARG B 277 2.99 19.59 16.42
C ARG B 277 1.64 19.44 17.13
N ARG B 278 0.73 18.71 16.50
CA ARG B 278 -0.59 18.49 17.07
C ARG B 278 -0.52 17.48 18.21
N PRO B 279 -1.61 17.39 18.99
CA PRO B 279 -1.65 16.46 20.12
C PRO B 279 -1.55 14.98 19.73
N TRP B 280 -2.08 14.62 18.57
CA TRP B 280 -2.04 13.23 18.12
C TRP B 280 -0.69 12.83 17.49
N GLY B 281 0.37 13.49 17.96
CA GLY B 281 1.72 13.24 17.48
C GLY B 281 2.00 13.40 16.00
N ARG B 282 1.78 14.60 15.47
CA ARG B 282 2.04 14.86 14.05
C ARG B 282 2.26 16.35 13.79
N SER B 283 3.37 16.69 13.14
CA SER B 283 3.67 18.07 12.82
C SER B 283 2.96 18.40 11.52
N GLU B 284 2.31 19.55 11.44
CA GLU B 284 1.60 19.94 10.23
C GLU B 284 1.61 21.42 9.88
N PHE B 285 1.23 21.70 8.64
CA PHE B 285 1.12 23.06 8.14
C PHE B 285 0.12 22.96 6.99
N VAL B 286 -0.51 24.07 6.63
CA VAL B 286 -1.51 24.02 5.59
C VAL B 286 -1.19 24.88 4.40
N ILE B 287 -1.51 24.35 3.22
CA ILE B 287 -1.29 25.02 1.95
C ILE B 287 -2.66 25.41 1.43
N THR B 288 -2.85 26.69 1.13
CA THR B 288 -4.14 27.14 0.61
C THR B 288 -4.07 27.56 -0.85
N LEU B 289 -4.93 26.96 -1.66
CA LEU B 289 -5.00 27.27 -3.07
C LEU B 289 -5.73 28.60 -3.23
N PRO B 290 -5.63 29.22 -4.41
CA PRO B 290 -6.32 30.50 -4.61
C PRO B 290 -7.84 30.34 -4.58
N GLU B 291 -8.31 29.16 -4.96
CA GLU B 291 -9.75 28.89 -4.96
C GLU B 291 -10.29 28.77 -3.54
N GLY B 292 -9.40 28.64 -2.56
CA GLY B 292 -9.83 28.52 -1.18
C GLY B 292 -9.54 27.18 -0.55
N HIS B 293 -9.31 26.16 -1.36
CA HIS B 293 -9.02 24.82 -0.87
C HIS B 293 -7.86 24.80 0.12
N GLU B 294 -7.96 23.94 1.13
CA GLU B 294 -6.91 23.85 2.13
C GLU B 294 -6.33 22.45 2.15
N LEU B 295 -5.00 22.39 2.07
CA LEU B 295 -4.31 21.11 2.11
C LEU B 295 -3.38 21.15 3.30
N THR B 296 -3.61 20.27 4.26
CA THR B 296 -2.76 20.24 5.42
C THR B 296 -1.82 19.07 5.21
N VAL B 297 -0.54 19.36 5.39
CA VAL B 297 0.53 18.40 5.20
C VAL B 297 1.04 17.97 6.58
N SER B 298 0.83 16.70 6.91
CA SER B 298 1.27 16.18 8.20
C SER B 298 2.40 15.17 8.09
N ALA B 299 3.39 15.28 8.96
CA ALA B 299 4.53 14.37 8.97
C ALA B 299 4.84 13.97 10.41
N PRO B 300 5.42 12.78 10.62
CA PRO B 300 5.74 12.35 12.00
C PRO B 300 6.50 13.41 12.78
N VAL B 301 7.35 14.17 12.08
CA VAL B 301 8.14 15.25 12.69
C VAL B 301 8.54 16.29 11.65
#